data_8XK7
#
_entry.id   8XK7
#
_cell.length_a   61.610
_cell.length_b   65.628
_cell.length_c   107.378
_cell.angle_alpha   90.00
_cell.angle_beta   103.51
_cell.angle_gamma   90.00
#
_symmetry.space_group_name_H-M   'P 1 21 1'
#
loop_
_entity.id
_entity.type
_entity.pdbx_description
1 polymer 'DNA polymerase I, thermostable'
2 polymer "DNA(5'-D(*AP*AP*AP*CP*GP*GP*CP*GP*CP*CP*GP*TP*GP*GP*TP*CP*OMG)-3')"
3 polymer "DNA(5'-D(*GP*AP*CP*CP*AP*CP*GP*GP*CP*GP*CP*CP*OMG)-3')"
4 non-polymer 'PHOSPHATE ION'
5 non-polymer 'SULFATE ION'
6 non-polymer DI(HYDROXYETHYL)ETHER
7 water water
#
loop_
_entity_poly.entity_id
_entity_poly.type
_entity_poly.pdbx_seq_one_letter_code
_entity_poly.pdbx_strand_id
1 'polypeptide(L)'
;MEEAPWPPPEGAFVGFVLSRKEPMWADLLALAAARGGRVHRAPEPYKALRDLKEARGLLAKDLSVLALREGLGLPPGDDP
MLLAYLLDPSNTTPEGVARRYGGEWTEEAGERAALSERLFANLWGRLEGEERLLWLYREVERPLSAVLAHMEATGVRLDV
AYLRALSLEVAEEIARLEAEVFRLAGHPFNLNSRDQLERVLFDELGLPAIGKTEKTGKRSTSAAALEALREAHPIVEKIL
QYRELTKLKSTYIDPLPDLIHPRTGRLHTRFNQTATATGRLSSSDPNLQSIPVRTPLGQRIRRAFIAEEGWLLVALDYSQ
EGLRVLAHLSGDENLIRVFQEGRDIHTETASWMFGVPREAVNPLMRRAAKTINFGVLYGMSAHRLSQKLAIPYEEAQAFI
ERYFQSFPKVRAWIEKTLEEGRRRGYVETLFGRRRYVPDLEARVKSVRQAAERRAFNMPVQGTAADLMKLAMVKLFPRLE
EMGARMLLQVHDELVLEAPKERAEAVARLAKEVMEGVYPLAVPLEVEVGIGEDWLSAKEAAKLAAALEHHHHHH
;
A
2 'polydeoxyribonucleotide' (DA)(DA)(DA)(DC)(DG)(DG)(DC)(DG)(DC)(DC)(DG)(DT)(DG)(DG)(DT)(DC)(OMG) B
3 'polydeoxyribonucleotide' (DG)(DA)(DC)(DC)(DA)(DC)(DG)(DG)(DC)(DG)(DC)(DC)(OMG) C
#
loop_
_chem_comp.id
_chem_comp.type
_chem_comp.name
_chem_comp.formula
DA DNA linking 2'-DEOXYADENOSINE-5'-MONOPHOSPHATE 'C10 H14 N5 O6 P'
DC DNA linking 2'-DEOXYCYTIDINE-5'-MONOPHOSPHATE 'C9 H14 N3 O7 P'
DG DNA linking 2'-DEOXYGUANOSINE-5'-MONOPHOSPHATE 'C10 H14 N5 O7 P'
DT DNA linking THYMIDINE-5'-MONOPHOSPHATE 'C10 H15 N2 O8 P'
OMG RNA linking O2'-METHYLGUANOSINE-5'-MONOPHOSPHATE 'C11 H16 N5 O8 P'
PEG non-polymer DI(HYDROXYETHYL)ETHER 'C4 H10 O3'
PO4 non-polymer 'PHOSPHATE ION' 'O4 P -3'
SO4 non-polymer 'SULFATE ION' 'O4 S -2'
#
# COMPACT_ATOMS: atom_id res chain seq x y z
N GLU A 3 13.93 -8.30 39.16
CA GLU A 3 13.89 -6.95 39.80
C GLU A 3 12.59 -6.85 40.61
N ALA A 4 11.46 -7.07 39.94
CA ALA A 4 10.17 -7.13 40.62
C ALA A 4 9.39 -8.33 40.08
N PRO A 5 8.70 -9.10 40.94
CA PRO A 5 7.97 -10.26 40.46
C PRO A 5 6.79 -9.83 39.57
N TRP A 6 6.49 -10.68 38.59
CA TRP A 6 5.24 -10.60 37.84
C TRP A 6 4.08 -10.73 38.83
N PRO A 7 2.91 -10.08 38.63
CA PRO A 7 2.61 -9.21 37.49
C PRO A 7 2.98 -7.76 37.75
N PRO A 8 2.99 -6.89 36.71
CA PRO A 8 3.32 -5.48 36.90
C PRO A 8 2.13 -4.72 37.49
N PRO A 9 2.31 -3.45 37.92
CA PRO A 9 1.16 -2.60 38.24
C PRO A 9 0.48 -2.11 36.96
N GLU A 10 -0.65 -1.42 37.13
CA GLU A 10 -1.41 -0.89 36.01
C GLU A 10 -0.58 0.10 35.19
N GLY A 11 -0.86 0.16 33.89
CA GLY A 11 -0.23 1.13 33.00
C GLY A 11 1.24 0.82 32.70
N ALA A 12 1.65 -0.44 32.88
CA ALA A 12 3.04 -0.81 32.63
C ALA A 12 3.25 -0.95 31.12
N PHE A 13 4.48 -0.73 30.66
CA PHE A 13 4.83 -0.95 29.27
C PHE A 13 5.36 -2.36 29.07
N VAL A 14 4.94 -3.01 27.98
CA VAL A 14 5.31 -4.38 27.72
C VAL A 14 6.58 -4.42 26.86
N GLY A 15 7.33 -5.49 27.06
CA GLY A 15 8.39 -5.92 26.15
C GLY A 15 8.26 -7.42 25.89
N PHE A 16 8.62 -7.88 24.68
CA PHE A 16 8.41 -9.28 24.35
C PHE A 16 9.42 -9.72 23.29
N VAL A 17 9.69 -11.04 23.26
CA VAL A 17 10.57 -11.63 22.28
C VAL A 17 9.81 -12.77 21.61
N LEU A 18 9.83 -12.75 20.26
CA LEU A 18 9.20 -13.78 19.44
C LEU A 18 10.29 -14.65 18.83
N SER A 19 9.95 -15.90 18.50
CA SER A 19 10.89 -16.82 17.83
C SER A 19 11.11 -16.40 16.40
N ARG A 20 10.15 -15.68 15.81
CA ARG A 20 10.27 -15.15 14.45
C ARG A 20 9.46 -13.86 14.33
N LYS A 21 9.72 -13.08 13.27
CA LYS A 21 9.14 -11.75 13.16
C LYS A 21 7.62 -11.81 12.96
N GLU A 22 7.11 -12.88 12.33
CA GLU A 22 5.70 -12.98 11.96
C GLU A 22 4.90 -13.43 13.19
N PRO A 23 4.08 -12.56 13.81
CA PRO A 23 3.40 -12.92 15.05
C PRO A 23 2.44 -14.10 14.94
N MET A 24 1.83 -14.33 13.77
CA MET A 24 0.89 -15.43 13.67
C MET A 24 1.62 -16.76 13.68
N TRP A 25 2.92 -16.76 13.40
CA TRP A 25 3.71 -17.98 13.29
C TRP A 25 4.65 -18.15 14.47
N ALA A 26 4.75 -17.14 15.34
CA ALA A 26 5.86 -17.07 16.27
C ALA A 26 5.50 -17.72 17.60
N ASP A 27 6.52 -18.24 18.26
CA ASP A 27 6.41 -18.63 19.65
C ASP A 27 6.79 -17.41 20.50
N LEU A 28 5.97 -17.12 21.52
CA LEU A 28 6.28 -16.09 22.50
C LEU A 28 7.30 -16.64 23.47
N LEU A 29 8.55 -16.16 23.36
CA LEU A 29 9.66 -16.72 24.13
C LEU A 29 9.76 -16.05 25.49
N ALA A 30 9.54 -14.72 25.53
CA ALA A 30 9.74 -13.93 26.74
C ALA A 30 8.73 -12.78 26.75
N LEU A 31 8.19 -12.50 27.94
CA LEU A 31 7.31 -11.37 28.19
C LEU A 31 7.77 -10.64 29.46
N ALA A 32 7.70 -9.31 29.40
CA ALA A 32 8.10 -8.46 30.51
C ALA A 32 7.28 -7.17 30.48
N ALA A 33 7.31 -6.43 31.60
CA ALA A 33 6.62 -5.15 31.72
C ALA A 33 7.42 -4.22 32.62
N ALA A 34 7.45 -2.93 32.27
CA ALA A 34 8.15 -1.91 33.03
C ALA A 34 7.17 -0.82 33.48
N ARG A 35 7.31 -0.41 34.75
CA ARG A 35 6.65 0.77 35.28
C ARG A 35 7.62 1.46 36.23
N GLY A 36 7.92 2.74 35.96
CA GLY A 36 8.85 3.50 36.78
C GLY A 36 10.28 2.97 36.70
N GLY A 37 10.65 2.41 35.55
CA GLY A 37 11.99 1.88 35.38
C GLY A 37 12.18 0.52 36.05
N ARG A 38 11.14 0.01 36.72
CA ARG A 38 11.19 -1.28 37.39
C ARG A 38 10.62 -2.34 36.44
N VAL A 39 11.41 -3.40 36.18
CA VAL A 39 11.06 -4.42 35.22
C VAL A 39 10.51 -5.65 35.94
N HIS A 40 9.38 -6.15 35.45
CA HIS A 40 8.80 -7.42 35.89
C HIS A 40 8.86 -8.43 34.74
N ARG A 41 9.48 -9.58 34.97
CA ARG A 41 9.64 -10.58 33.92
C ARG A 41 8.68 -11.73 34.20
N ALA A 42 7.97 -12.20 33.16
CA ALA A 42 6.98 -13.24 33.33
C ALA A 42 7.67 -14.61 33.40
N PRO A 43 7.36 -15.45 34.41
CA PRO A 43 7.91 -16.81 34.45
C PRO A 43 7.43 -17.68 33.28
N GLU A 44 6.15 -17.56 32.91
CA GLU A 44 5.60 -18.28 31.76
C GLU A 44 4.82 -17.31 30.89
N PRO A 45 5.35 -16.93 29.70
CA PRO A 45 4.81 -15.84 28.90
C PRO A 45 3.34 -15.92 28.51
N TYR A 46 2.87 -17.10 28.07
CA TYR A 46 1.52 -17.25 27.53
C TYR A 46 0.47 -17.00 28.62
N LYS A 47 0.65 -17.64 29.78
CA LYS A 47 -0.23 -17.43 30.93
C LYS A 47 -0.19 -15.96 31.36
N ALA A 48 0.98 -15.32 31.26
CA ALA A 48 1.20 -13.96 31.72
C ALA A 48 0.52 -12.92 30.83
N LEU A 49 0.16 -13.31 29.58
CA LEU A 49 -0.59 -12.43 28.70
C LEU A 49 -1.92 -12.02 29.34
N ARG A 50 -2.53 -12.90 30.14
CA ARG A 50 -3.85 -12.67 30.73
C ARG A 50 -3.80 -11.57 31.78
N ASP A 51 -2.59 -11.22 32.25
CA ASP A 51 -2.42 -10.23 33.31
C ASP A 51 -2.33 -8.81 32.74
N LEU A 52 -2.32 -8.66 31.41
CA LEU A 52 -2.30 -7.35 30.77
C LEU A 52 -3.71 -6.97 30.31
N LYS A 53 -4.10 -5.73 30.58
CA LYS A 53 -5.34 -5.17 30.07
C LYS A 53 -5.18 -4.76 28.60
N GLU A 54 -3.99 -4.22 28.26
CA GLU A 54 -3.67 -3.89 26.89
C GLU A 54 -2.16 -4.07 26.69
N ALA A 55 -1.75 -4.08 25.42
CA ALA A 55 -0.35 -4.07 25.07
C ALA A 55 0.08 -2.62 24.79
N ARG A 56 0.84 -2.02 25.72
CA ARG A 56 1.40 -0.69 25.51
C ARG A 56 2.91 -0.85 25.43
N GLY A 57 3.51 -0.43 24.33
CA GLY A 57 4.92 -0.68 24.14
C GLY A 57 5.29 -0.69 22.66
N LEU A 58 6.60 -0.81 22.42
CA LEU A 58 7.12 -0.97 21.07
C LEU A 58 6.48 -2.20 20.43
N LEU A 59 5.99 -2.02 19.20
CA LEU A 59 5.39 -3.10 18.41
C LEU A 59 4.20 -3.74 19.15
N ALA A 60 3.40 -2.92 19.84
CA ALA A 60 2.28 -3.42 20.62
C ALA A 60 1.32 -4.23 19.75
N LYS A 61 1.08 -3.79 18.51
CA LYS A 61 0.17 -4.53 17.63
C LYS A 61 0.61 -5.99 17.44
N ASP A 62 1.91 -6.23 17.25
CA ASP A 62 2.40 -7.57 17.00
C ASP A 62 2.07 -8.50 18.17
N LEU A 63 2.24 -8.03 19.40
CA LEU A 63 1.88 -8.84 20.56
C LEU A 63 0.36 -9.06 20.61
N SER A 64 -0.40 -8.03 20.26
CA SER A 64 -1.86 -8.12 20.25
C SER A 64 -2.32 -9.18 19.24
N VAL A 65 -1.61 -9.30 18.11
CA VAL A 65 -1.96 -10.28 17.10
C VAL A 65 -1.76 -11.68 17.68
N LEU A 66 -0.63 -11.91 18.35
CA LEU A 66 -0.32 -13.23 18.88
C LEU A 66 -1.31 -13.57 19.98
N ALA A 67 -1.67 -12.57 20.78
CA ALA A 67 -2.67 -12.76 21.82
C ALA A 67 -3.99 -13.23 21.21
N LEU A 68 -4.41 -12.55 20.14
CA LEU A 68 -5.66 -12.92 19.48
C LEU A 68 -5.58 -14.35 18.98
N ARG A 69 -4.42 -14.76 18.47
CA ARG A 69 -4.21 -16.12 17.97
C ARG A 69 -4.45 -17.13 19.09
N GLU A 70 -4.09 -16.78 20.32
CA GLU A 70 -4.26 -17.63 21.49
C GLU A 70 -5.62 -17.46 22.15
N GLY A 71 -6.55 -16.76 21.49
CA GLY A 71 -7.92 -16.66 21.97
C GLY A 71 -8.13 -15.51 22.94
N LEU A 72 -7.14 -14.62 23.06
CA LEU A 72 -7.11 -13.61 24.11
C LEU A 72 -7.32 -12.23 23.49
N GLY A 73 -8.20 -11.43 24.11
CA GLY A 73 -8.62 -10.15 23.57
C GLY A 73 -7.82 -8.99 24.15
N LEU A 74 -6.52 -8.97 23.83
CA LEU A 74 -5.58 -7.98 24.35
C LEU A 74 -5.36 -6.91 23.28
N PRO A 75 -6.01 -5.73 23.38
CA PRO A 75 -5.81 -4.66 22.40
C PRO A 75 -4.48 -3.94 22.53
N PRO A 76 -3.91 -3.40 21.43
CA PRO A 76 -2.70 -2.60 21.51
C PRO A 76 -3.11 -1.19 21.91
N GLY A 77 -2.27 -0.54 22.72
CA GLY A 77 -2.47 0.83 23.12
C GLY A 77 -1.33 1.71 22.59
N ASP A 78 -0.76 2.52 23.49
CA ASP A 78 0.32 3.40 23.10
C ASP A 78 1.50 2.56 22.61
N ASP A 79 2.15 3.07 21.55
CA ASP A 79 3.33 2.48 20.97
C ASP A 79 4.22 3.63 20.55
N PRO A 80 5.40 3.79 21.17
CA PRO A 80 6.31 4.88 20.83
C PRO A 80 6.66 4.93 19.35
N MET A 81 6.58 3.79 18.67
CA MET A 81 6.89 3.76 17.23
C MET A 81 5.95 4.70 16.47
N LEU A 82 4.66 4.74 16.87
CA LEU A 82 3.66 5.55 16.20
C LEU A 82 3.98 7.03 16.41
N LEU A 83 4.40 7.39 17.64
CA LEU A 83 4.82 8.75 17.97
C LEU A 83 6.03 9.13 17.13
N ALA A 84 7.04 8.26 17.08
CA ALA A 84 8.24 8.58 16.30
C ALA A 84 7.92 8.73 14.82
N TYR A 85 7.06 7.85 14.29
CA TYR A 85 6.69 7.85 12.88
C TYR A 85 6.01 9.15 12.47
N LEU A 86 5.13 9.65 13.37
CA LEU A 86 4.43 10.90 13.16
C LEU A 86 5.38 12.09 13.18
N LEU A 87 6.36 12.09 14.09
CA LEU A 87 7.37 13.15 14.14
C LEU A 87 8.20 13.18 12.85
N ASP A 88 8.50 11.99 12.32
CA ASP A 88 9.36 11.85 11.16
C ASP A 88 9.15 10.44 10.59
N PRO A 89 8.49 10.28 9.42
CA PRO A 89 8.20 8.94 8.90
C PRO A 89 9.42 8.15 8.41
N SER A 90 10.63 8.75 8.44
CA SER A 90 11.85 7.95 8.29
C SER A 90 12.12 7.11 9.54
N ASN A 91 11.36 7.35 10.63
CA ASN A 91 11.46 6.52 11.82
C ASN A 91 10.62 5.24 11.63
N THR A 92 11.27 4.14 11.23
CA THR A 92 10.51 2.97 10.79
C THR A 92 10.79 1.72 11.62
N THR A 93 11.89 1.67 12.40
CA THR A 93 12.23 0.48 13.16
C THR A 93 12.53 0.83 14.61
N PRO A 94 12.32 -0.09 15.57
CA PRO A 94 12.68 0.20 16.97
C PRO A 94 14.18 0.43 17.19
N GLU A 95 15.03 -0.31 16.46
CA GLU A 95 16.47 -0.18 16.52
C GLU A 95 16.89 1.23 16.11
N GLY A 96 16.36 1.72 15.00
CA GLY A 96 16.66 3.07 14.54
C GLY A 96 16.12 4.16 15.47
N VAL A 97 14.90 3.97 15.97
CA VAL A 97 14.29 4.95 16.89
C VAL A 97 15.10 5.00 18.19
N ALA A 98 15.43 3.83 18.76
CA ALA A 98 16.27 3.77 19.95
C ALA A 98 17.58 4.54 19.74
N ARG A 99 18.33 4.19 18.69
CA ARG A 99 19.60 4.84 18.37
C ARG A 99 19.46 6.35 18.27
N ARG A 100 18.35 6.84 17.72
CA ARG A 100 18.19 8.26 17.48
C ARG A 100 17.72 9.00 18.74
N TYR A 101 16.77 8.39 19.46
CA TYR A 101 16.04 9.09 20.51
C TYR A 101 16.54 8.70 21.90
N GLY A 102 17.24 7.57 22.01
CA GLY A 102 17.87 7.18 23.25
C GLY A 102 17.59 5.73 23.59
N GLY A 103 18.60 5.09 24.20
CA GLY A 103 18.51 3.68 24.57
C GLY A 103 18.96 2.77 23.44
N GLU A 104 18.68 1.48 23.62
CA GLU A 104 19.15 0.47 22.69
C GLU A 104 18.12 -0.67 22.65
N TRP A 105 17.72 -1.01 21.41
CA TRP A 105 16.88 -2.16 21.14
C TRP A 105 17.71 -3.43 21.22
N THR A 106 17.40 -4.30 22.18
CA THR A 106 18.18 -5.50 22.41
C THR A 106 17.30 -6.71 22.12
N GLU A 107 17.74 -7.89 22.55
CA GLU A 107 17.02 -9.14 22.31
C GLU A 107 16.46 -9.70 23.62
N GLU A 108 16.30 -8.84 24.62
CA GLU A 108 15.84 -9.27 25.93
C GLU A 108 14.53 -8.52 26.26
N ALA A 109 13.51 -9.28 26.70
CA ALA A 109 12.16 -8.76 26.91
C ALA A 109 12.13 -7.63 27.93
N GLY A 110 12.83 -7.83 29.07
CA GLY A 110 12.81 -6.84 30.14
C GLY A 110 13.41 -5.51 29.70
N GLU A 111 14.52 -5.58 28.95
CA GLU A 111 15.16 -4.40 28.42
C GLU A 111 14.25 -3.71 27.40
N ARG A 112 13.44 -4.49 26.68
CA ARG A 112 12.53 -3.92 25.68
C ARG A 112 11.37 -3.19 26.36
N ALA A 113 10.92 -3.74 27.49
CA ALA A 113 9.87 -3.13 28.30
C ALA A 113 10.32 -1.78 28.86
N ALA A 114 11.52 -1.72 29.46
CA ALA A 114 12.08 -0.50 30.01
C ALA A 114 12.29 0.54 28.91
N LEU A 115 12.78 0.11 27.75
CA LEU A 115 12.99 1.00 26.61
C LEU A 115 11.66 1.56 26.12
N SER A 116 10.63 0.71 26.07
CA SER A 116 9.31 1.14 25.63
C SER A 116 8.83 2.30 26.49
N GLU A 117 8.97 2.13 27.82
CA GLU A 117 8.48 3.12 28.78
C GLU A 117 9.27 4.42 28.62
N ARG A 118 10.60 4.32 28.52
CA ARG A 118 11.43 5.52 28.38
C ARG A 118 11.16 6.23 27.05
N LEU A 119 11.09 5.48 25.94
CA LEU A 119 10.91 6.13 24.64
C LEU A 119 9.53 6.80 24.59
N PHE A 120 8.52 6.13 25.14
CA PHE A 120 7.21 6.75 25.16
C PHE A 120 7.26 8.16 25.77
N ALA A 121 7.93 8.31 26.93
CA ALA A 121 7.93 9.59 27.64
C ALA A 121 8.77 10.60 26.86
N ASN A 122 9.90 10.14 26.31
N ASN A 122 9.89 10.12 26.31
CA ASN A 122 10.74 11.00 25.49
CA ASN A 122 10.79 10.89 25.48
C ASN A 122 9.95 11.52 24.30
C ASN A 122 10.04 11.47 24.28
N LEU A 123 9.32 10.61 23.55
CA LEU A 123 8.60 11.00 22.33
C LEU A 123 7.33 11.79 22.65
N TRP A 124 6.58 11.40 23.69
CA TRP A 124 5.41 12.19 24.08
C TRP A 124 5.79 13.66 24.28
N GLY A 125 6.91 13.87 24.99
CA GLY A 125 7.41 15.20 25.29
C GLY A 125 7.63 16.04 24.03
N ARG A 126 8.18 15.42 22.98
CA ARG A 126 8.51 16.15 21.76
C ARG A 126 7.24 16.48 20.95
N LEU A 127 6.11 15.86 21.29
CA LEU A 127 4.85 16.12 20.61
C LEU A 127 4.03 17.20 21.30
N GLU A 128 4.59 17.87 22.31
CA GLU A 128 3.84 18.88 23.04
C GLU A 128 3.73 20.14 22.19
N GLY A 129 2.49 20.59 21.99
CA GLY A 129 2.22 21.73 21.13
C GLY A 129 2.02 21.33 19.66
N GLU A 130 2.32 20.07 19.31
CA GLU A 130 2.10 19.57 17.96
C GLU A 130 0.67 19.04 17.86
N GLU A 131 -0.29 19.97 17.79
CA GLU A 131 -1.68 19.61 18.04
C GLU A 131 -2.23 18.74 16.92
N ARG A 132 -1.73 18.92 15.68
CA ARG A 132 -2.23 18.13 14.56
C ARG A 132 -1.66 16.70 14.59
N LEU A 133 -0.38 16.55 14.90
CA LEU A 133 0.22 15.23 15.04
C LEU A 133 -0.45 14.45 16.17
N LEU A 134 -0.80 15.16 17.27
CA LEU A 134 -1.43 14.52 18.40
C LEU A 134 -2.83 14.04 18.04
N TRP A 135 -3.53 14.86 17.25
CA TRP A 135 -4.83 14.48 16.70
C TRP A 135 -4.71 13.20 15.86
N LEU A 136 -3.69 13.16 15.00
CA LEU A 136 -3.44 12.00 14.17
C LEU A 136 -3.15 10.78 15.04
N TYR A 137 -2.34 10.95 16.08
CA TYR A 137 -2.03 9.85 16.99
C TYR A 137 -3.31 9.36 17.68
N ARG A 138 -4.07 10.29 18.27
CA ARG A 138 -5.23 9.91 19.07
C ARG A 138 -6.40 9.41 18.22
N GLU A 139 -6.64 10.05 17.07
CA GLU A 139 -7.86 9.79 16.32
C GLU A 139 -7.64 8.83 15.15
N VAL A 140 -6.37 8.61 14.74
CA VAL A 140 -6.09 7.74 13.62
C VAL A 140 -5.16 6.59 14.02
N GLU A 141 -3.89 6.86 14.32
CA GLU A 141 -2.89 5.79 14.38
C GLU A 141 -3.15 4.85 15.56
N ARG A 142 -3.38 5.38 16.76
CA ARG A 142 -3.47 4.53 17.94
C ARG A 142 -4.68 3.61 17.78
N PRO A 143 -5.88 4.13 17.46
CA PRO A 143 -7.02 3.24 17.23
C PRO A 143 -6.86 2.34 16.00
N LEU A 144 -6.17 2.81 14.94
CA LEU A 144 -5.96 1.96 13.77
C LEU A 144 -5.19 0.69 14.16
N SER A 145 -4.23 0.82 15.08
CA SER A 145 -3.41 -0.31 15.46
C SER A 145 -4.26 -1.49 15.91
N ALA A 146 -5.41 -1.24 16.55
CA ALA A 146 -6.31 -2.27 17.03
C ALA A 146 -7.05 -2.90 15.85
N VAL A 147 -7.40 -2.06 14.87
CA VAL A 147 -8.06 -2.55 13.69
C VAL A 147 -7.09 -3.48 12.96
N LEU A 148 -5.83 -3.06 12.83
CA LEU A 148 -4.88 -3.83 12.07
C LEU A 148 -4.68 -5.18 12.75
N ALA A 149 -4.71 -5.20 14.10
CA ALA A 149 -4.49 -6.44 14.84
C ALA A 149 -5.58 -7.46 14.53
N HIS A 150 -6.84 -7.02 14.50
N HIS A 150 -6.86 -7.03 14.54
CA HIS A 150 -7.95 -7.89 14.16
CA HIS A 150 -7.97 -7.88 14.11
C HIS A 150 -7.86 -8.36 12.70
C HIS A 150 -7.72 -8.41 12.71
N MET A 151 -7.40 -7.51 11.78
CA MET A 151 -7.23 -7.91 10.38
C MET A 151 -6.18 -9.02 10.24
N GLU A 152 -5.02 -8.84 10.88
CA GLU A 152 -3.93 -9.78 10.75
C GLU A 152 -4.30 -11.14 11.36
N ALA A 153 -4.98 -11.12 12.50
CA ALA A 153 -5.34 -12.32 13.23
C ALA A 153 -6.49 -13.06 12.54
N THR A 154 -7.33 -12.33 11.81
CA THR A 154 -8.45 -12.95 11.10
C THR A 154 -7.96 -13.69 9.87
N GLY A 155 -7.03 -13.08 9.12
CA GLY A 155 -6.52 -13.67 7.89
C GLY A 155 -7.60 -13.77 6.82
N VAL A 156 -7.25 -14.38 5.68
CA VAL A 156 -8.18 -14.49 4.57
C VAL A 156 -8.15 -15.94 4.09
N ARG A 157 -9.31 -16.43 3.66
CA ARG A 157 -9.42 -17.80 3.18
C ARG A 157 -8.96 -17.89 1.73
N LEU A 158 -8.24 -18.97 1.44
CA LEU A 158 -7.65 -19.25 0.14
C LEU A 158 -8.21 -20.57 -0.40
N ASP A 159 -8.40 -20.65 -1.73
CA ASP A 159 -8.82 -21.88 -2.40
C ASP A 159 -7.59 -22.65 -2.85
N VAL A 160 -7.12 -23.56 -2.00
CA VAL A 160 -5.81 -24.18 -2.17
C VAL A 160 -5.81 -25.12 -3.38
N ALA A 161 -6.92 -25.85 -3.56
CA ALA A 161 -7.04 -26.83 -4.63
C ALA A 161 -7.04 -26.12 -6.00
N TYR A 162 -7.83 -25.04 -6.11
CA TYR A 162 -7.82 -24.17 -7.28
C TYR A 162 -6.39 -23.77 -7.64
N LEU A 163 -5.57 -23.40 -6.65
CA LEU A 163 -4.22 -22.90 -6.87
C LEU A 163 -3.24 -24.04 -7.17
N ARG A 164 -3.44 -25.20 -6.53
CA ARG A 164 -2.70 -26.40 -6.86
C ARG A 164 -2.88 -26.70 -8.35
N ALA A 165 -4.14 -26.73 -8.79
CA ALA A 165 -4.50 -26.93 -10.19
C ALA A 165 -3.89 -25.85 -11.09
N LEU A 166 -4.10 -24.57 -10.73
CA LEU A 166 -3.59 -23.47 -11.53
C LEU A 166 -2.08 -23.60 -11.74
N SER A 167 -1.38 -24.09 -10.70
CA SER A 167 0.06 -24.26 -10.74
C SER A 167 0.49 -25.24 -11.84
N LEU A 168 -0.22 -26.39 -11.91
CA LEU A 168 0.03 -27.43 -12.91
C LEU A 168 -0.15 -26.85 -14.31
N GLU A 169 -1.31 -26.23 -14.52
CA GLU A 169 -1.64 -25.63 -15.80
C GLU A 169 -0.51 -24.70 -16.26
N VAL A 170 -0.10 -23.78 -15.38
CA VAL A 170 0.89 -22.78 -15.75
C VAL A 170 2.26 -23.44 -15.93
N ALA A 171 2.56 -24.47 -15.12
CA ALA A 171 3.80 -25.21 -15.26
C ALA A 171 3.96 -25.70 -16.71
N GLU A 172 2.86 -26.23 -17.27
CA GLU A 172 2.86 -26.80 -18.61
C GLU A 172 3.21 -25.72 -19.63
N GLU A 173 2.55 -24.56 -19.54
CA GLU A 173 2.80 -23.46 -20.47
C GLU A 173 4.25 -22.98 -20.39
N ILE A 174 4.81 -22.94 -19.17
CA ILE A 174 6.19 -22.49 -18.97
C ILE A 174 7.14 -23.41 -19.71
N ALA A 175 6.93 -24.72 -19.59
CA ALA A 175 7.78 -25.72 -20.21
C ALA A 175 7.73 -25.59 -21.74
N ARG A 176 6.56 -25.28 -22.28
CA ARG A 176 6.39 -25.07 -23.71
C ARG A 176 7.25 -23.89 -24.17
N LEU A 177 7.10 -22.76 -23.48
CA LEU A 177 7.78 -21.52 -23.84
C LEU A 177 9.29 -21.71 -23.74
N GLU A 178 9.71 -22.44 -22.71
CA GLU A 178 11.12 -22.70 -22.48
C GLU A 178 11.71 -23.44 -23.68
N ALA A 179 11.00 -24.49 -24.11
CA ALA A 179 11.41 -25.29 -25.25
C ALA A 179 11.43 -24.46 -26.54
N GLU A 180 10.40 -23.61 -26.74
CA GLU A 180 10.33 -22.77 -27.93
C GLU A 180 11.44 -21.73 -27.94
N VAL A 181 11.88 -21.29 -26.75
CA VAL A 181 12.91 -20.28 -26.64
C VAL A 181 14.27 -20.91 -26.91
N PHE A 182 14.50 -22.08 -26.32
CA PHE A 182 15.73 -22.85 -26.49
C PHE A 182 15.99 -23.12 -27.97
N ARG A 183 14.92 -23.50 -28.70
CA ARG A 183 15.00 -23.73 -30.12
C ARG A 183 15.56 -22.48 -30.81
N LEU A 184 14.91 -21.34 -30.58
CA LEU A 184 15.26 -20.08 -31.22
C LEU A 184 16.66 -19.63 -30.82
N ALA A 185 17.11 -20.08 -29.65
CA ALA A 185 18.47 -19.83 -29.18
C ALA A 185 19.45 -20.84 -29.78
N GLY A 186 18.95 -22.04 -30.08
CA GLY A 186 19.78 -23.11 -30.59
C GLY A 186 20.57 -23.81 -29.49
N HIS A 187 20.34 -23.43 -28.24
CA HIS A 187 20.92 -24.11 -27.10
C HIS A 187 20.08 -23.83 -25.87
N PRO A 188 20.10 -24.73 -24.85
CA PRO A 188 19.36 -24.49 -23.61
C PRO A 188 20.11 -23.50 -22.74
N PHE A 189 19.37 -22.89 -21.79
CA PHE A 189 19.97 -22.06 -20.76
C PHE A 189 18.91 -21.76 -19.69
N ASN A 190 19.33 -21.06 -18.64
CA ASN A 190 18.44 -20.60 -17.58
C ASN A 190 17.78 -19.31 -18.03
N LEU A 191 16.49 -19.39 -18.42
CA LEU A 191 15.71 -18.22 -18.79
C LEU A 191 15.55 -17.27 -17.60
N ASN A 192 15.57 -17.80 -16.38
CA ASN A 192 15.45 -17.02 -15.15
C ASN A 192 16.67 -16.14 -14.91
N SER A 193 17.77 -16.38 -15.64
CA SER A 193 19.02 -15.66 -15.41
C SER A 193 19.09 -14.52 -16.40
N ARG A 194 19.13 -13.29 -15.88
CA ARG A 194 19.12 -12.12 -16.73
C ARG A 194 20.51 -11.96 -17.34
N ASP A 195 21.53 -12.54 -16.68
CA ASP A 195 22.89 -12.51 -17.22
C ASP A 195 22.95 -13.40 -18.47
N GLN A 196 22.57 -14.67 -18.33
CA GLN A 196 22.51 -15.61 -19.45
C GLN A 196 21.66 -15.03 -20.57
N LEU A 197 20.52 -14.42 -20.23
CA LEU A 197 19.60 -13.88 -21.21
C LEU A 197 20.24 -12.71 -21.96
N GLU A 198 21.01 -11.87 -21.25
CA GLU A 198 21.68 -10.71 -21.84
C GLU A 198 22.73 -11.17 -22.85
N ARG A 199 23.37 -12.32 -22.60
CA ARG A 199 24.27 -12.91 -23.58
C ARG A 199 23.48 -13.33 -24.82
N VAL A 200 22.53 -14.26 -24.61
CA VAL A 200 21.73 -14.85 -25.67
C VAL A 200 21.22 -13.75 -26.61
N LEU A 201 20.57 -12.73 -26.03
CA LEU A 201 19.81 -11.76 -26.80
C LEU A 201 20.73 -10.81 -27.56
N PHE A 202 21.79 -10.33 -26.93
CA PHE A 202 22.51 -9.16 -27.44
C PHE A 202 23.89 -9.53 -27.99
N ASP A 203 24.44 -10.67 -27.53
CA ASP A 203 25.69 -11.18 -28.08
C ASP A 203 25.36 -12.19 -29.18
N GLU A 204 24.81 -13.35 -28.78
CA GLU A 204 24.60 -14.49 -29.67
C GLU A 204 23.66 -14.11 -30.83
N LEU A 205 22.50 -13.51 -30.53
CA LEU A 205 21.51 -13.19 -31.54
C LEU A 205 21.70 -11.76 -32.08
N GLY A 206 22.56 -10.98 -31.43
CA GLY A 206 23.00 -9.69 -31.94
C GLY A 206 21.90 -8.63 -32.00
N LEU A 207 20.86 -8.75 -31.16
CA LEU A 207 19.78 -7.78 -31.13
C LEU A 207 20.29 -6.45 -30.57
N PRO A 208 19.62 -5.30 -30.85
CA PRO A 208 20.04 -4.00 -30.31
C PRO A 208 19.67 -3.82 -28.82
N ALA A 209 20.66 -3.41 -28.01
CA ALA A 209 20.46 -3.12 -26.60
C ALA A 209 20.45 -1.61 -26.37
N ILE A 210 19.27 -1.04 -26.05
CA ILE A 210 19.10 0.40 -25.93
C ILE A 210 18.99 0.85 -24.47
N GLY A 211 18.87 -0.11 -23.53
CA GLY A 211 18.69 0.21 -22.12
C GLY A 211 19.87 -0.28 -21.28
N LYS A 212 20.16 0.46 -20.19
CA LYS A 212 21.15 0.07 -19.21
C LYS A 212 20.44 -0.34 -17.91
N THR A 213 21.09 -1.20 -17.13
CA THR A 213 20.62 -1.49 -15.79
C THR A 213 20.81 -0.23 -14.94
N GLU A 214 20.14 -0.19 -13.77
CA GLU A 214 20.12 0.99 -12.92
C GLU A 214 21.52 1.27 -12.37
N LYS A 215 22.21 0.21 -11.92
CA LYS A 215 23.46 0.39 -11.18
C LYS A 215 24.61 -0.36 -11.84
N THR A 216 24.42 -1.62 -12.26
CA THR A 216 25.52 -2.47 -12.71
C THR A 216 26.07 -2.04 -14.08
N GLY A 217 25.42 -1.09 -14.76
CA GLY A 217 25.90 -0.58 -16.05
C GLY A 217 25.90 -1.63 -17.15
N LYS A 218 25.04 -2.65 -17.02
CA LYS A 218 24.90 -3.69 -18.01
C LYS A 218 23.75 -3.36 -18.96
N ARG A 219 23.58 -4.20 -20.00
CA ARG A 219 22.48 -4.05 -20.94
C ARG A 219 21.23 -4.69 -20.35
N SER A 220 20.13 -3.92 -20.31
CA SER A 220 18.92 -4.32 -19.61
C SER A 220 18.13 -5.31 -20.44
N THR A 221 17.62 -6.35 -19.79
CA THR A 221 16.63 -7.26 -20.37
C THR A 221 15.24 -7.02 -19.80
N SER A 222 14.97 -5.79 -19.33
CA SER A 222 13.69 -5.44 -18.72
C SER A 222 12.59 -5.37 -19.77
N ALA A 223 11.33 -5.36 -19.32
CA ALA A 223 10.19 -5.22 -20.21
C ALA A 223 10.33 -3.93 -21.03
N ALA A 224 10.80 -2.85 -20.41
CA ALA A 224 10.90 -1.57 -21.08
C ALA A 224 11.97 -1.62 -22.17
N ALA A 225 13.14 -2.21 -21.85
CA ALA A 225 14.27 -2.30 -22.76
C ALA A 225 13.94 -3.13 -24.00
N LEU A 226 13.08 -4.15 -23.84
CA LEU A 226 12.80 -5.16 -24.85
C LEU A 226 11.53 -4.83 -25.65
N GLU A 227 10.75 -3.82 -25.21
CA GLU A 227 9.42 -3.59 -25.74
C GLU A 227 9.45 -3.36 -27.25
N ALA A 228 10.42 -2.58 -27.74
CA ALA A 228 10.48 -2.18 -29.13
C ALA A 228 11.10 -3.25 -30.02
N LEU A 229 11.53 -4.37 -29.43
CA LEU A 229 12.07 -5.52 -30.16
C LEU A 229 11.02 -6.62 -30.30
N ARG A 230 9.78 -6.31 -29.90
CA ARG A 230 8.77 -7.33 -29.64
C ARG A 230 8.16 -7.81 -30.97
N GLU A 231 7.74 -6.84 -31.81
CA GLU A 231 7.04 -7.13 -33.06
C GLU A 231 7.98 -7.84 -34.03
N ALA A 232 9.22 -7.35 -34.14
CA ALA A 232 10.17 -7.84 -35.13
C ALA A 232 10.83 -9.14 -34.70
N HIS A 233 10.75 -9.50 -33.40
CA HIS A 233 11.50 -10.63 -32.89
C HIS A 233 10.66 -11.48 -31.95
N PRO A 234 9.98 -12.53 -32.48
CA PRO A 234 9.25 -13.50 -31.66
C PRO A 234 9.93 -14.15 -30.45
N ILE A 235 11.26 -14.25 -30.43
CA ILE A 235 11.92 -14.83 -29.27
C ILE A 235 11.71 -13.92 -28.07
N VAL A 236 11.76 -12.60 -28.30
CA VAL A 236 11.52 -11.61 -27.26
C VAL A 236 10.12 -11.77 -26.71
N GLU A 237 9.14 -11.85 -27.63
CA GLU A 237 7.73 -12.06 -27.32
C GLU A 237 7.55 -13.25 -26.38
N LYS A 238 8.30 -14.33 -26.62
CA LYS A 238 8.19 -15.56 -25.87
C LYS A 238 8.83 -15.41 -24.49
N ILE A 239 9.95 -14.67 -24.42
CA ILE A 239 10.63 -14.41 -23.16
C ILE A 239 9.71 -13.63 -22.21
N LEU A 240 9.05 -12.59 -22.74
CA LEU A 240 8.19 -11.75 -21.91
C LEU A 240 7.02 -12.57 -21.40
N GLN A 241 6.48 -13.46 -22.23
CA GLN A 241 5.43 -14.37 -21.80
C GLN A 241 5.93 -15.27 -20.68
N TYR A 242 7.14 -15.80 -20.83
CA TYR A 242 7.76 -16.67 -19.84
C TYR A 242 7.98 -15.92 -18.52
N ARG A 243 8.49 -14.68 -18.62
CA ARG A 243 8.70 -13.80 -17.48
C ARG A 243 7.41 -13.66 -16.67
N GLU A 244 6.31 -13.33 -17.34
CA GLU A 244 5.06 -13.07 -16.64
C GLU A 244 4.59 -14.30 -15.88
N LEU A 245 4.65 -15.47 -16.53
CA LEU A 245 4.12 -16.68 -15.93
C LEU A 245 4.98 -17.10 -14.74
N THR A 246 6.31 -17.01 -14.89
CA THR A 246 7.22 -17.44 -13.84
C THR A 246 7.17 -16.46 -12.67
N LYS A 247 6.98 -15.17 -12.99
CA LYS A 247 6.75 -14.14 -11.98
C LYS A 247 5.58 -14.55 -11.09
N LEU A 248 4.40 -14.74 -11.69
CA LEU A 248 3.19 -14.99 -10.92
C LEU A 248 3.21 -16.34 -10.21
N LYS A 249 3.82 -17.36 -10.83
CA LYS A 249 3.86 -18.70 -10.27
C LYS A 249 4.80 -18.74 -9.05
N SER A 250 6.00 -18.20 -9.22
CA SER A 250 7.03 -18.26 -8.20
C SER A 250 6.72 -17.33 -7.04
N THR A 251 5.97 -16.25 -7.28
CA THR A 251 5.74 -15.24 -6.24
C THR A 251 4.36 -15.44 -5.60
N TYR A 252 3.38 -15.97 -6.34
CA TYR A 252 2.01 -15.98 -5.85
C TYR A 252 1.40 -17.38 -5.85
N ILE A 253 1.35 -18.04 -7.01
CA ILE A 253 0.57 -19.27 -7.16
C ILE A 253 1.13 -20.38 -6.25
N ASP A 254 2.46 -20.52 -6.23
CA ASP A 254 3.13 -21.59 -5.49
C ASP A 254 3.32 -21.25 -4.00
N PRO A 255 3.88 -20.07 -3.61
CA PRO A 255 4.08 -19.75 -2.20
C PRO A 255 2.84 -19.72 -1.30
N LEU A 256 1.72 -19.19 -1.83
CA LEU A 256 0.58 -18.84 -1.00
C LEU A 256 -0.05 -20.06 -0.35
N PRO A 257 -0.25 -21.19 -1.06
CA PRO A 257 -0.89 -22.36 -0.46
C PRO A 257 -0.10 -22.93 0.72
N ASP A 258 1.22 -22.74 0.71
CA ASP A 258 2.09 -23.29 1.75
C ASP A 258 2.09 -22.41 3.00
N LEU A 259 1.34 -21.29 2.99
CA LEU A 259 1.36 -20.35 4.09
C LEU A 259 0.04 -20.40 4.86
N ILE A 260 -0.80 -21.41 4.59
CA ILE A 260 -2.06 -21.55 5.31
C ILE A 260 -1.75 -21.95 6.75
N HIS A 261 -2.43 -21.33 7.71
CA HIS A 261 -2.10 -21.50 9.11
C HIS A 261 -2.88 -22.69 9.67
N PRO A 262 -2.19 -23.66 10.35
CA PRO A 262 -2.85 -24.87 10.86
C PRO A 262 -3.99 -24.60 11.83
N ARG A 263 -3.91 -23.50 12.58
CA ARG A 263 -4.90 -23.24 13.60
C ARG A 263 -6.14 -22.57 13.01
N THR A 264 -5.97 -21.75 11.97
CA THR A 264 -7.04 -20.91 11.48
C THR A 264 -7.61 -21.43 10.17
N GLY A 265 -6.80 -22.19 9.43
CA GLY A 265 -7.16 -22.57 8.07
C GLY A 265 -7.11 -21.39 7.09
N ARG A 266 -6.47 -20.28 7.47
CA ARG A 266 -6.48 -19.06 6.67
C ARG A 266 -5.05 -18.56 6.46
N LEU A 267 -4.92 -17.56 5.56
CA LEU A 267 -3.66 -16.92 5.22
C LEU A 267 -3.56 -15.57 5.94
N HIS A 268 -2.40 -15.31 6.58
CA HIS A 268 -2.22 -14.17 7.47
C HIS A 268 -1.08 -13.30 6.95
N THR A 269 -1.40 -12.04 6.62
CA THR A 269 -0.40 -11.05 6.25
C THR A 269 -0.11 -10.17 7.47
N ARG A 270 0.83 -9.25 7.28
CA ARG A 270 1.19 -8.26 8.26
C ARG A 270 0.96 -6.89 7.62
N PHE A 271 0.24 -6.01 8.34
CA PHE A 271 -0.01 -4.64 7.91
C PHE A 271 0.89 -3.73 8.75
N ASN A 272 1.99 -3.31 8.11
CA ASN A 272 3.02 -2.50 8.74
C ASN A 272 2.59 -1.02 8.77
N GLN A 273 2.57 -0.46 9.98
CA GLN A 273 1.96 0.85 10.20
C GLN A 273 3.03 1.95 10.19
N THR A 274 4.34 1.62 10.24
CA THR A 274 5.38 2.64 10.28
C THR A 274 6.48 2.31 9.27
N ALA A 275 6.09 2.14 8.00
CA ALA A 275 6.99 1.55 7.03
C ALA A 275 7.19 2.42 5.80
N THR A 276 6.36 3.45 5.61
CA THR A 276 6.38 4.21 4.37
C THR A 276 6.71 5.67 4.67
N ALA A 277 7.11 6.40 3.63
CA ALA A 277 7.48 7.80 3.75
C ALA A 277 6.26 8.71 3.55
N THR A 278 5.12 8.14 3.17
CA THR A 278 3.96 8.91 2.76
C THR A 278 2.83 8.80 3.77
N GLY A 279 2.90 7.80 4.65
CA GLY A 279 1.82 7.51 5.58
C GLY A 279 0.92 6.37 5.12
N ARG A 280 1.19 5.76 3.95
CA ARG A 280 0.47 4.55 3.55
C ARG A 280 0.85 3.42 4.49
N LEU A 281 -0.02 2.41 4.61
CA LEU A 281 0.41 1.12 5.14
C LEU A 281 1.28 0.40 4.09
N SER A 282 2.02 -0.63 4.54
CA SER A 282 2.55 -1.66 3.68
C SER A 282 2.04 -3.00 4.19
N SER A 283 2.26 -4.04 3.39
CA SER A 283 1.88 -5.41 3.67
C SER A 283 3.07 -6.31 3.38
N SER A 284 3.32 -7.30 4.26
CA SER A 284 4.41 -8.23 4.07
C SER A 284 4.11 -9.59 4.70
N ASP A 285 4.88 -10.59 4.26
CA ASP A 285 4.91 -11.92 4.85
C ASP A 285 3.55 -12.63 4.81
N PRO A 286 2.84 -12.73 3.65
CA PRO A 286 3.27 -12.18 2.36
C PRO A 286 2.64 -10.80 2.08
N ASN A 287 3.03 -10.19 0.96
CA ASN A 287 2.47 -8.89 0.57
C ASN A 287 1.14 -9.09 -0.16
N LEU A 288 0.03 -8.83 0.54
CA LEU A 288 -1.29 -8.96 -0.04
C LEU A 288 -1.79 -7.65 -0.64
N GLN A 289 -0.92 -6.65 -0.76
CA GLN A 289 -1.20 -5.43 -1.52
C GLN A 289 -0.50 -5.44 -2.90
N SER A 290 0.04 -6.60 -3.29
CA SER A 290 0.58 -6.77 -4.63
C SER A 290 0.03 -8.02 -5.31
N ILE A 291 -1.14 -8.50 -4.91
CA ILE A 291 -1.70 -9.69 -5.54
C ILE A 291 -2.10 -9.32 -6.98
N PRO A 292 -1.60 -10.07 -7.98
CA PRO A 292 -1.87 -9.79 -9.40
C PRO A 292 -3.36 -9.67 -9.69
N VAL A 293 -3.67 -8.81 -10.67
CA VAL A 293 -5.05 -8.50 -11.04
C VAL A 293 -5.13 -8.02 -12.49
N ARG A 294 -4.05 -7.50 -13.06
CA ARG A 294 -4.17 -6.73 -14.30
C ARG A 294 -4.20 -7.61 -15.56
N THR A 295 -3.45 -8.71 -15.56
CA THR A 295 -3.40 -9.61 -16.71
C THR A 295 -4.46 -10.71 -16.58
N PRO A 296 -4.76 -11.46 -17.68
CA PRO A 296 -5.62 -12.64 -17.58
C PRO A 296 -5.23 -13.63 -16.48
N LEU A 297 -3.94 -13.99 -16.38
CA LEU A 297 -3.51 -14.88 -15.31
C LEU A 297 -3.64 -14.21 -13.93
N GLY A 298 -3.32 -12.91 -13.84
CA GLY A 298 -3.48 -12.19 -12.59
C GLY A 298 -4.91 -12.28 -12.06
N GLN A 299 -5.88 -12.04 -12.95
CA GLN A 299 -7.29 -12.14 -12.58
C GLN A 299 -7.59 -13.53 -12.01
N ARG A 300 -6.93 -14.55 -12.55
CA ARG A 300 -7.22 -15.91 -12.13
C ARG A 300 -6.66 -16.16 -10.74
N ILE A 301 -5.57 -15.46 -10.38
CA ILE A 301 -5.02 -15.56 -9.03
C ILE A 301 -6.01 -14.94 -8.03
N ARG A 302 -6.58 -13.78 -8.37
CA ARG A 302 -7.53 -13.10 -7.50
C ARG A 302 -8.70 -14.00 -7.13
N ARG A 303 -9.10 -14.88 -8.05
CA ARG A 303 -10.19 -15.81 -7.81
C ARG A 303 -9.87 -16.76 -6.65
N ALA A 304 -8.59 -16.99 -6.34
CA ALA A 304 -8.20 -17.92 -5.28
C ALA A 304 -8.55 -17.40 -3.88
N PHE A 305 -8.81 -16.09 -3.74
CA PHE A 305 -9.13 -15.49 -2.46
C PHE A 305 -10.64 -15.54 -2.25
N ILE A 306 -11.09 -16.34 -1.28
CA ILE A 306 -12.48 -16.72 -1.19
C ILE A 306 -13.04 -16.39 0.20
N ALA A 307 -14.37 -16.34 0.32
CA ALA A 307 -15.03 -16.14 1.59
C ALA A 307 -15.10 -17.47 2.37
N GLU A 308 -15.31 -17.38 3.68
CA GLU A 308 -15.68 -18.54 4.47
C GLU A 308 -17.06 -19.03 4.01
N GLU A 309 -17.29 -20.34 4.15
CA GLU A 309 -18.58 -20.96 3.83
C GLU A 309 -19.70 -20.17 4.50
N GLY A 310 -20.69 -19.75 3.71
CA GLY A 310 -21.83 -19.02 4.24
C GLY A 310 -21.58 -17.52 4.33
N TRP A 311 -20.37 -17.08 3.94
CA TRP A 311 -20.00 -15.66 3.98
C TRP A 311 -19.77 -15.16 2.55
N LEU A 312 -19.73 -13.82 2.39
CA LEU A 312 -19.36 -13.19 1.13
C LEU A 312 -18.32 -12.09 1.39
N LEU A 313 -17.42 -11.90 0.42
CA LEU A 313 -16.50 -10.77 0.43
C LEU A 313 -17.22 -9.52 -0.03
N VAL A 314 -16.88 -8.39 0.61
CA VAL A 314 -17.31 -7.08 0.15
C VAL A 314 -16.05 -6.26 -0.18
N ALA A 315 -16.00 -5.75 -1.41
CA ALA A 315 -14.84 -5.03 -1.91
C ALA A 315 -15.22 -3.59 -2.19
N LEU A 316 -14.54 -2.67 -1.51
CA LEU A 316 -14.88 -1.26 -1.62
C LEU A 316 -13.67 -0.50 -2.12
N ASP A 317 -13.90 0.52 -2.95
CA ASP A 317 -12.82 1.17 -3.67
C ASP A 317 -13.13 2.66 -3.79
N TYR A 318 -12.26 3.51 -3.24
CA TYR A 318 -12.31 4.93 -3.52
C TYR A 318 -11.91 5.17 -4.97
N SER A 319 -12.81 5.77 -5.74
CA SER A 319 -12.60 6.03 -7.15
C SER A 319 -11.84 7.35 -7.33
N GLN A 320 -10.72 7.29 -8.07
CA GLN A 320 -9.88 8.43 -8.38
C GLN A 320 -9.53 9.28 -7.16
N GLU A 321 -9.09 8.61 -6.08
CA GLU A 321 -8.93 9.28 -4.80
C GLU A 321 -7.83 10.33 -4.90
N GLY A 322 -6.75 10.07 -5.66
CA GLY A 322 -5.64 11.03 -5.78
C GLY A 322 -6.06 12.34 -6.44
N LEU A 323 -6.84 12.23 -7.51
CA LEU A 323 -7.28 13.41 -8.25
C LEU A 323 -8.32 14.18 -7.42
N ARG A 324 -9.19 13.47 -6.67
CA ARG A 324 -10.14 14.15 -5.79
C ARG A 324 -9.40 14.89 -4.67
N VAL A 325 -8.33 14.27 -4.13
CA VAL A 325 -7.52 14.93 -3.11
C VAL A 325 -6.88 16.18 -3.71
N LEU A 326 -6.35 16.07 -4.94
CA LEU A 326 -5.73 17.20 -5.63
C LEU A 326 -6.73 18.36 -5.80
N ALA A 327 -7.97 18.03 -6.11
CA ALA A 327 -9.02 19.01 -6.27
C ALA A 327 -9.22 19.78 -4.96
N HIS A 328 -9.28 19.04 -3.85
CA HIS A 328 -9.40 19.65 -2.53
C HIS A 328 -8.15 20.46 -2.16
N LEU A 329 -6.95 19.90 -2.34
CA LEU A 329 -5.75 20.58 -1.89
C LEU A 329 -5.51 21.84 -2.71
N SER A 330 -5.87 21.83 -3.99
CA SER A 330 -5.54 22.91 -4.92
C SER A 330 -6.62 23.99 -4.88
N GLY A 331 -7.85 23.54 -4.61
CA GLY A 331 -9.00 24.42 -4.68
C GLY A 331 -9.38 24.75 -6.12
N ASP A 332 -8.88 23.98 -7.10
CA ASP A 332 -9.13 24.34 -8.48
C ASP A 332 -10.61 24.14 -8.80
N GLU A 333 -11.29 25.25 -9.11
CA GLU A 333 -12.74 25.22 -9.17
C GLU A 333 -13.20 24.34 -10.34
N ASN A 334 -12.41 24.27 -11.42
CA ASN A 334 -12.76 23.50 -12.60
C ASN A 334 -12.64 21.99 -12.32
N LEU A 335 -11.61 21.59 -11.58
CA LEU A 335 -11.43 20.21 -11.15
C LEU A 335 -12.51 19.83 -10.12
N ILE A 336 -12.84 20.75 -9.21
CA ILE A 336 -13.90 20.53 -8.23
C ILE A 336 -15.26 20.35 -8.93
N ARG A 337 -15.55 21.17 -9.93
CA ARG A 337 -16.82 21.11 -10.66
C ARG A 337 -17.01 19.74 -11.31
N VAL A 338 -15.96 19.22 -11.96
CA VAL A 338 -16.01 17.91 -12.56
C VAL A 338 -16.58 16.88 -11.58
N PHE A 339 -15.97 16.79 -10.39
CA PHE A 339 -16.31 15.77 -9.41
C PHE A 339 -17.67 16.08 -8.76
N GLN A 340 -17.96 17.38 -8.54
CA GLN A 340 -19.22 17.80 -7.97
C GLN A 340 -20.36 17.37 -8.90
N GLU A 341 -20.15 17.47 -10.22
CA GLU A 341 -21.18 17.14 -11.19
C GLU A 341 -21.23 15.65 -11.55
N GLY A 342 -20.31 14.85 -11.01
CA GLY A 342 -20.30 13.41 -11.26
C GLY A 342 -19.79 13.03 -12.65
N ARG A 343 -19.03 13.92 -13.29
CA ARG A 343 -18.54 13.67 -14.63
C ARG A 343 -17.22 12.90 -14.60
N ASP A 344 -16.81 12.41 -15.77
CA ASP A 344 -15.61 11.60 -15.93
C ASP A 344 -14.42 12.55 -16.13
N ILE A 345 -13.49 12.55 -15.18
CA ILE A 345 -12.39 13.50 -15.20
C ILE A 345 -11.59 13.41 -16.50
N HIS A 346 -11.38 12.18 -17.01
CA HIS A 346 -10.53 12.01 -18.18
C HIS A 346 -11.23 12.49 -19.44
N THR A 347 -12.54 12.26 -19.53
CA THR A 347 -13.33 12.74 -20.66
C THR A 347 -13.36 14.26 -20.63
N GLU A 348 -13.57 14.88 -19.47
CA GLU A 348 -13.71 16.32 -19.39
C GLU A 348 -12.36 16.96 -19.74
N THR A 349 -11.27 16.45 -19.16
CA THR A 349 -9.94 16.95 -19.49
C THR A 349 -9.79 16.90 -21.02
N ALA A 350 -10.11 15.76 -21.61
CA ALA A 350 -9.94 15.58 -23.04
C ALA A 350 -10.78 16.59 -23.84
N SER A 351 -12.01 16.87 -23.39
CA SER A 351 -12.90 17.78 -24.08
C SER A 351 -12.26 19.16 -24.22
N TRP A 352 -11.60 19.63 -23.15
CA TRP A 352 -10.95 20.93 -23.17
C TRP A 352 -9.59 20.83 -23.87
N MET A 353 -8.90 19.69 -23.74
CA MET A 353 -7.58 19.55 -24.34
C MET A 353 -7.70 19.58 -25.87
N PHE A 354 -8.78 19.00 -26.41
CA PHE A 354 -8.92 18.81 -27.84
C PHE A 354 -10.06 19.66 -28.39
N GLY A 355 -10.65 20.48 -27.49
CA GLY A 355 -11.63 21.48 -27.84
C GLY A 355 -12.83 20.87 -28.58
N VAL A 356 -13.29 19.70 -28.08
CA VAL A 356 -14.47 19.01 -28.60
C VAL A 356 -15.48 18.85 -27.47
N PRO A 357 -16.81 18.85 -27.75
CA PRO A 357 -17.81 18.48 -26.74
C PRO A 357 -17.51 17.08 -26.23
N ARG A 358 -17.91 16.80 -24.97
CA ARG A 358 -17.57 15.55 -24.31
C ARG A 358 -18.02 14.34 -25.13
N GLU A 359 -19.13 14.49 -25.87
CA GLU A 359 -19.71 13.41 -26.64
C GLU A 359 -18.81 13.01 -27.81
N ALA A 360 -17.95 13.94 -28.26
CA ALA A 360 -17.10 13.71 -29.42
C ALA A 360 -15.71 13.20 -29.03
N VAL A 361 -15.42 13.10 -27.73
CA VAL A 361 -14.12 12.64 -27.28
C VAL A 361 -13.97 11.18 -27.70
N ASN A 362 -12.88 10.87 -28.42
CA ASN A 362 -12.61 9.52 -28.89
C ASN A 362 -11.59 8.85 -27.97
N PRO A 363 -11.44 7.50 -28.05
CA PRO A 363 -10.56 6.75 -27.14
C PRO A 363 -9.11 7.22 -27.02
N LEU A 364 -8.55 7.70 -28.13
CA LEU A 364 -7.17 8.15 -28.18
C LEU A 364 -7.03 9.42 -27.36
N MET A 365 -8.05 10.28 -27.48
CA MET A 365 -8.08 11.54 -26.77
C MET A 365 -8.20 11.29 -25.27
N ARG A 366 -9.06 10.36 -24.86
CA ARG A 366 -9.27 10.10 -23.44
C ARG A 366 -7.99 9.52 -22.82
N ARG A 367 -7.29 8.67 -23.57
CA ARG A 367 -6.12 8.00 -23.00
C ARG A 367 -5.00 9.04 -22.84
N ALA A 368 -4.91 10.01 -23.75
CA ALA A 368 -3.96 11.11 -23.61
C ALA A 368 -4.28 11.98 -22.39
N ALA A 369 -5.55 12.35 -22.20
CA ALA A 369 -5.97 13.16 -21.07
C ALA A 369 -5.67 12.45 -19.75
N LYS A 370 -5.92 11.13 -19.72
CA LYS A 370 -5.67 10.30 -18.56
C LYS A 370 -4.18 10.32 -18.22
N THR A 371 -3.31 10.14 -19.23
CA THR A 371 -1.87 10.24 -19.06
C THR A 371 -1.49 11.60 -18.49
N ILE A 372 -2.09 12.66 -19.03
CA ILE A 372 -1.78 14.01 -18.56
C ILE A 372 -2.30 14.19 -17.13
N ASN A 373 -3.51 13.69 -16.83
CA ASN A 373 -4.13 13.90 -15.53
C ASN A 373 -3.26 13.32 -14.43
N PHE A 374 -2.74 12.10 -14.62
CA PHE A 374 -1.90 11.46 -13.63
C PHE A 374 -0.50 12.07 -13.65
N GLY A 375 -0.07 12.59 -14.79
CA GLY A 375 1.26 13.19 -14.88
C GLY A 375 1.41 14.43 -14.02
N VAL A 376 0.28 15.12 -13.76
CA VAL A 376 0.30 16.37 -13.02
C VAL A 376 0.63 16.09 -11.55
N LEU A 377 0.32 14.89 -11.07
CA LEU A 377 0.63 14.48 -9.71
C LEU A 377 2.14 14.39 -9.48
N TYR A 378 2.93 14.38 -10.56
CA TYR A 378 4.37 14.37 -10.46
C TYR A 378 4.96 15.65 -11.07
N GLY A 379 4.17 16.74 -11.06
CA GLY A 379 4.66 18.06 -11.39
C GLY A 379 4.56 18.44 -12.87
N MET A 380 3.98 17.56 -13.69
CA MET A 380 3.74 17.86 -15.11
C MET A 380 5.05 18.07 -15.88
N SER A 381 5.82 16.99 -16.08
CA SER A 381 7.02 17.05 -16.90
C SER A 381 6.67 17.02 -18.38
N ALA A 382 7.14 18.03 -19.12
CA ALA A 382 6.89 18.14 -20.56
C ALA A 382 7.66 17.05 -21.32
N HIS A 383 8.85 16.71 -20.83
CA HIS A 383 9.69 15.75 -21.53
C HIS A 383 9.10 14.35 -21.40
N ARG A 384 8.56 14.03 -20.22
CA ARG A 384 7.99 12.72 -19.98
C ARG A 384 6.66 12.62 -20.72
N LEU A 385 5.97 13.74 -20.94
CA LEU A 385 4.71 13.73 -21.68
C LEU A 385 4.96 13.41 -23.16
N SER A 386 6.00 14.02 -23.74
CA SER A 386 6.35 13.78 -25.14
C SER A 386 6.61 12.30 -25.39
N GLN A 387 7.22 11.59 -24.42
CA GLN A 387 7.59 10.19 -24.60
C GLN A 387 6.36 9.28 -24.55
N LYS A 388 5.51 9.47 -23.53
CA LYS A 388 4.39 8.57 -23.30
C LYS A 388 3.40 8.63 -24.45
N LEU A 389 3.20 9.83 -25.03
CA LEU A 389 2.26 10.05 -26.11
C LEU A 389 2.93 9.95 -27.48
N ALA A 390 4.28 9.95 -27.51
CA ALA A 390 5.05 9.84 -28.75
C ALA A 390 4.74 11.03 -29.66
N ILE A 391 4.99 12.23 -29.15
CA ILE A 391 4.69 13.47 -29.87
C ILE A 391 5.87 14.41 -29.68
N PRO A 392 6.11 15.37 -30.60
CA PRO A 392 7.15 16.37 -30.42
C PRO A 392 7.11 17.00 -29.03
N TYR A 393 8.30 17.30 -28.49
CA TYR A 393 8.48 17.99 -27.23
C TYR A 393 7.65 19.29 -27.18
N GLU A 394 7.61 20.03 -28.29
CA GLU A 394 6.97 21.34 -28.35
C GLU A 394 5.44 21.19 -28.34
N GLU A 395 4.93 20.06 -28.84
CA GLU A 395 3.50 19.76 -28.79
C GLU A 395 3.11 19.29 -27.39
N ALA A 396 4.06 18.67 -26.67
CA ALA A 396 3.87 18.33 -25.26
C ALA A 396 3.69 19.61 -24.45
N GLN A 397 4.61 20.56 -24.63
CA GLN A 397 4.57 21.82 -23.92
C GLN A 397 3.23 22.52 -24.16
N ALA A 398 2.75 22.49 -25.41
CA ALA A 398 1.49 23.10 -25.79
C ALA A 398 0.33 22.46 -25.01
N PHE A 399 0.32 21.12 -24.99
CA PHE A 399 -0.67 20.37 -24.24
C PHE A 399 -0.67 20.80 -22.77
N ILE A 400 0.52 20.96 -22.17
CA ILE A 400 0.64 21.32 -20.76
C ILE A 400 0.07 22.72 -20.55
N GLU A 401 0.43 23.65 -21.44
CA GLU A 401 -0.09 25.00 -21.33
C GLU A 401 -1.61 24.98 -21.41
N ARG A 402 -2.15 24.16 -22.30
CA ARG A 402 -3.59 24.06 -22.48
C ARG A 402 -4.23 23.45 -21.22
N TYR A 403 -3.58 22.46 -20.62
CA TYR A 403 -4.07 21.89 -19.38
C TYR A 403 -4.20 22.97 -18.29
N PHE A 404 -3.14 23.77 -18.10
CA PHE A 404 -3.11 24.71 -17.00
C PHE A 404 -4.03 25.90 -17.26
N GLN A 405 -4.36 26.16 -18.52
CA GLN A 405 -5.39 27.12 -18.87
C GLN A 405 -6.74 26.70 -18.26
N SER A 406 -7.05 25.40 -18.26
CA SER A 406 -8.31 24.93 -17.71
C SER A 406 -8.23 24.64 -16.21
N PHE A 407 -7.04 24.32 -15.68
CA PHE A 407 -6.87 24.07 -14.25
C PHE A 407 -5.71 24.90 -13.70
N PRO A 408 -5.82 26.25 -13.70
CA PRO A 408 -4.73 27.12 -13.25
C PRO A 408 -4.32 27.00 -11.77
N LYS A 409 -5.27 26.67 -10.89
CA LYS A 409 -4.92 26.49 -9.48
C LYS A 409 -4.18 25.18 -9.22
N VAL A 410 -4.15 24.27 -10.19
CA VAL A 410 -3.30 23.11 -10.05
C VAL A 410 -1.84 23.53 -10.24
N ARG A 411 -1.59 24.42 -11.20
CA ARG A 411 -0.27 25.00 -11.40
C ARG A 411 0.14 25.74 -10.13
N ALA A 412 -0.79 26.54 -9.60
CA ALA A 412 -0.54 27.29 -8.37
C ALA A 412 -0.16 26.35 -7.24
N TRP A 413 -0.87 25.23 -7.11
CA TRP A 413 -0.61 24.27 -6.05
C TRP A 413 0.80 23.66 -6.22
N ILE A 414 1.17 23.36 -7.47
CA ILE A 414 2.48 22.82 -7.78
C ILE A 414 3.57 23.77 -7.29
N GLU A 415 3.46 25.05 -7.70
CA GLU A 415 4.45 26.06 -7.36
C GLU A 415 4.50 26.28 -5.85
N LYS A 416 3.33 26.32 -5.20
CA LYS A 416 3.28 26.58 -3.78
C LYS A 416 3.90 25.41 -3.00
N THR A 417 3.53 24.16 -3.38
CA THR A 417 4.09 23.00 -2.72
C THR A 417 5.61 23.04 -2.74
N LEU A 418 6.21 23.38 -3.89
CA LEU A 418 7.67 23.39 -4.00
C LEU A 418 8.27 24.55 -3.20
N GLU A 419 7.63 25.74 -3.29
CA GLU A 419 8.11 26.90 -2.55
C GLU A 419 8.15 26.61 -1.06
N GLU A 420 7.05 26.11 -0.51
CA GLU A 420 7.02 25.81 0.91
C GLU A 420 8.03 24.71 1.23
N GLY A 421 8.06 23.66 0.41
CA GLY A 421 9.00 22.58 0.62
C GLY A 421 10.44 23.08 0.73
N ARG A 422 10.80 24.01 -0.15
CA ARG A 422 12.15 24.57 -0.20
C ARG A 422 12.43 25.38 1.05
N ARG A 423 11.45 26.21 1.45
CA ARG A 423 11.62 27.14 2.55
C ARG A 423 11.50 26.42 3.90
N ARG A 424 10.49 25.57 4.07
CA ARG A 424 10.24 24.96 5.37
C ARG A 424 11.06 23.68 5.56
N GLY A 425 11.39 22.96 4.47
CA GLY A 425 12.13 21.71 4.56
C GLY A 425 11.23 20.47 4.59
N TYR A 426 9.91 20.67 4.68
CA TYR A 426 8.97 19.56 4.64
C TYR A 426 7.70 19.94 3.89
N VAL A 427 6.90 18.91 3.59
CA VAL A 427 5.57 19.05 3.05
C VAL A 427 4.63 18.30 3.98
N GLU A 428 3.32 18.51 3.82
CA GLU A 428 2.36 17.91 4.73
C GLU A 428 1.09 17.56 3.99
N THR A 429 0.34 16.63 4.60
CA THR A 429 -1.00 16.28 4.17
C THR A 429 -2.00 17.28 4.74
N LEU A 430 -3.27 17.06 4.38
CA LEU A 430 -4.41 17.86 4.82
C LEU A 430 -4.46 17.90 6.33
N PHE A 431 -4.24 16.75 6.97
CA PHE A 431 -4.38 16.60 8.41
C PHE A 431 -3.08 16.99 9.14
N GLY A 432 -2.01 17.33 8.42
CA GLY A 432 -0.78 17.79 9.06
C GLY A 432 0.29 16.69 9.26
N ARG A 433 0.11 15.50 8.68
CA ARG A 433 1.21 14.56 8.57
C ARG A 433 2.32 15.18 7.72
N ARG A 434 3.57 14.97 8.17
CA ARG A 434 4.71 15.75 7.72
C ARG A 434 5.75 14.81 7.11
N ARG A 435 6.35 15.24 6.00
CA ARG A 435 7.52 14.55 5.46
C ARG A 435 8.58 15.57 5.06
N TYR A 436 9.80 15.33 5.57
CA TYR A 436 10.96 16.16 5.29
C TYR A 436 11.53 15.66 3.98
N VAL A 437 11.73 16.60 3.04
CA VAL A 437 12.15 16.29 1.68
C VAL A 437 13.40 17.11 1.36
N PRO A 438 14.61 16.52 1.50
CA PRO A 438 15.83 17.22 1.14
C PRO A 438 16.02 17.37 -0.38
N ASP A 439 17.05 18.13 -0.75
CA ASP A 439 17.56 18.17 -2.11
C ASP A 439 16.62 18.89 -3.06
N LEU A 440 15.67 19.65 -2.52
CA LEU A 440 14.77 20.44 -3.36
C LEU A 440 15.52 21.60 -4.02
N GLU A 441 16.68 21.98 -3.48
CA GLU A 441 17.56 22.96 -4.11
C GLU A 441 18.92 22.35 -4.46
N ALA A 442 18.95 21.05 -4.75
CA ALA A 442 20.18 20.40 -5.21
C ALA A 442 20.62 21.01 -6.55
N ARG A 443 21.95 21.09 -6.73
CA ARG A 443 22.56 21.67 -7.92
C ARG A 443 22.36 20.78 -9.13
N VAL A 444 22.45 19.46 -8.94
CA VAL A 444 22.23 18.49 -10.00
C VAL A 444 20.73 18.36 -10.28
N LYS A 445 20.35 18.78 -11.50
CA LYS A 445 18.97 18.84 -11.97
C LYS A 445 18.24 17.53 -11.71
N SER A 446 18.87 16.40 -12.02
CA SER A 446 18.23 15.10 -11.86
C SER A 446 17.89 14.83 -10.39
N VAL A 447 18.80 15.18 -9.48
CA VAL A 447 18.63 14.94 -8.05
C VAL A 447 17.51 15.85 -7.52
N ARG A 448 17.48 17.09 -8.04
CA ARG A 448 16.53 18.11 -7.65
C ARG A 448 15.12 17.71 -8.07
N GLN A 449 14.97 17.32 -9.34
CA GLN A 449 13.68 16.96 -9.90
C GLN A 449 13.16 15.68 -9.25
N ALA A 450 14.07 14.74 -8.94
CA ALA A 450 13.66 13.53 -8.25
C ALA A 450 13.05 13.91 -6.89
N ALA A 451 13.65 14.89 -6.20
CA ALA A 451 13.13 15.33 -4.91
C ALA A 451 11.79 16.05 -5.08
N GLU A 452 11.64 16.84 -6.16
CA GLU A 452 10.41 17.57 -6.39
C GLU A 452 9.25 16.59 -6.50
N ARG A 453 9.47 15.49 -7.22
CA ARG A 453 8.44 14.47 -7.41
C ARG A 453 8.05 13.84 -6.08
N ARG A 454 8.99 13.72 -5.13
CA ARG A 454 8.65 13.23 -3.80
C ARG A 454 7.79 14.26 -3.06
N ALA A 455 8.09 15.54 -3.22
CA ALA A 455 7.39 16.61 -2.53
C ALA A 455 5.91 16.65 -2.94
N PHE A 456 5.64 16.49 -4.24
CA PHE A 456 4.27 16.47 -4.74
C PHE A 456 3.52 15.21 -4.34
N ASN A 457 4.24 14.09 -4.30
CA ASN A 457 3.66 12.77 -4.09
C ASN A 457 3.05 12.69 -2.68
N MET A 458 3.82 13.10 -1.67
CA MET A 458 3.49 12.78 -0.30
C MET A 458 2.17 13.43 0.13
N PRO A 459 1.91 14.74 -0.14
CA PRO A 459 0.64 15.36 0.24
C PRO A 459 -0.61 14.70 -0.33
N VAL A 460 -0.53 14.22 -1.58
CA VAL A 460 -1.70 13.67 -2.26
C VAL A 460 -1.89 12.25 -1.74
N GLN A 461 -0.85 11.43 -1.90
CA GLN A 461 -0.93 10.03 -1.53
C GLN A 461 -1.10 9.91 -0.02
N GLY A 462 -0.45 10.79 0.74
CA GLY A 462 -0.53 10.80 2.19
C GLY A 462 -1.91 11.25 2.70
N THR A 463 -2.51 12.27 2.07
CA THR A 463 -3.87 12.67 2.44
C THR A 463 -4.85 11.51 2.20
N ALA A 464 -4.67 10.79 1.11
CA ALA A 464 -5.56 9.69 0.74
C ALA A 464 -5.40 8.56 1.77
N ALA A 465 -4.17 8.36 2.24
CA ALA A 465 -3.88 7.38 3.27
C ALA A 465 -4.56 7.74 4.60
N ASP A 466 -4.48 9.01 4.98
CA ASP A 466 -5.06 9.53 6.22
C ASP A 466 -6.56 9.29 6.20
N LEU A 467 -7.19 9.54 5.05
CA LEU A 467 -8.62 9.39 4.88
C LEU A 467 -9.05 7.93 4.98
N MET A 468 -8.33 7.03 4.30
CA MET A 468 -8.63 5.61 4.38
C MET A 468 -8.41 5.13 5.83
N LYS A 469 -7.32 5.53 6.48
CA LYS A 469 -7.09 5.11 7.86
C LYS A 469 -8.21 5.56 8.78
N LEU A 470 -8.64 6.83 8.67
CA LEU A 470 -9.74 7.33 9.46
C LEU A 470 -11.03 6.55 9.17
N ALA A 471 -11.28 6.21 7.90
CA ALA A 471 -12.45 5.41 7.54
C ALA A 471 -12.39 4.03 8.20
N MET A 472 -11.20 3.42 8.28
CA MET A 472 -11.07 2.09 8.87
C MET A 472 -11.42 2.15 10.36
N VAL A 473 -10.96 3.23 11.02
CA VAL A 473 -11.15 3.45 12.43
C VAL A 473 -12.65 3.63 12.70
N LYS A 474 -13.33 4.38 11.82
CA LYS A 474 -14.75 4.66 11.98
C LYS A 474 -15.58 3.42 11.70
N LEU A 475 -15.17 2.59 10.73
CA LEU A 475 -16.01 1.52 10.23
C LEU A 475 -15.91 0.30 11.13
N PHE A 476 -14.72 0.07 11.68
CA PHE A 476 -14.42 -1.21 12.29
C PHE A 476 -15.40 -1.55 13.43
N PRO A 477 -15.68 -0.65 14.39
CA PRO A 477 -16.64 -0.97 15.45
C PRO A 477 -18.05 -1.28 14.91
N ARG A 478 -18.45 -0.57 13.83
CA ARG A 478 -19.74 -0.78 13.20
C ARG A 478 -19.81 -2.20 12.63
N LEU A 479 -18.73 -2.66 11.98
CA LEU A 479 -18.68 -4.01 11.43
C LEU A 479 -18.79 -5.05 12.56
N GLU A 480 -18.01 -4.85 13.63
CA GLU A 480 -18.04 -5.76 14.78
C GLU A 480 -19.49 -5.99 15.22
N GLU A 481 -20.28 -4.91 15.29
CA GLU A 481 -21.67 -4.98 15.72
C GLU A 481 -22.51 -5.87 14.81
N MET A 482 -22.20 -5.89 13.50
CA MET A 482 -23.01 -6.60 12.52
C MET A 482 -22.49 -8.02 12.30
N GLY A 483 -21.42 -8.42 12.99
CA GLY A 483 -20.89 -9.77 12.86
C GLY A 483 -20.04 -9.95 11.60
N ALA A 484 -19.55 -8.82 11.07
CA ALA A 484 -18.72 -8.83 9.86
C ALA A 484 -17.26 -8.62 10.25
N ARG A 485 -16.34 -8.90 9.31
CA ARG A 485 -14.90 -8.78 9.50
C ARG A 485 -14.29 -7.83 8.47
N MET A 486 -13.16 -7.21 8.86
CA MET A 486 -12.35 -6.45 7.93
C MET A 486 -11.08 -7.27 7.64
N LEU A 487 -10.82 -7.58 6.36
CA LEU A 487 -9.76 -8.52 5.99
C LEU A 487 -8.54 -7.83 5.38
N LEU A 488 -8.71 -7.01 4.32
CA LEU A 488 -7.55 -6.45 3.63
C LEU A 488 -7.75 -4.95 3.39
N GLN A 489 -6.61 -4.24 3.31
CA GLN A 489 -6.55 -2.87 2.81
C GLN A 489 -5.51 -2.85 1.69
N VAL A 490 -5.87 -2.27 0.54
CA VAL A 490 -4.92 -2.05 -0.56
C VAL A 490 -4.99 -0.57 -0.96
N HIS A 491 -4.57 0.29 -0.03
CA HIS A 491 -4.37 1.72 -0.22
C HIS A 491 -5.70 2.47 -0.40
N ASP A 492 -6.39 2.29 -1.54
CA ASP A 492 -7.69 2.93 -1.74
C ASP A 492 -8.82 1.91 -1.63
N GLU A 493 -8.50 0.64 -1.32
CA GLU A 493 -9.48 -0.44 -1.31
C GLU A 493 -9.55 -1.09 0.07
N LEU A 494 -10.75 -1.56 0.42
CA LEU A 494 -10.98 -2.40 1.60
C LEU A 494 -11.72 -3.65 1.18
N VAL A 495 -11.32 -4.78 1.76
CA VAL A 495 -12.04 -6.04 1.55
C VAL A 495 -12.56 -6.51 2.90
N LEU A 496 -13.90 -6.60 2.99
CA LEU A 496 -14.59 -7.08 4.19
C LEU A 496 -15.10 -8.49 3.91
N GLU A 497 -15.55 -9.17 4.97
CA GLU A 497 -16.17 -10.49 4.88
C GLU A 497 -17.39 -10.48 5.79
N ALA A 498 -18.57 -10.86 5.25
CA ALA A 498 -19.82 -10.79 5.99
C ALA A 498 -20.64 -12.07 5.77
N PRO A 499 -21.42 -12.53 6.78
CA PRO A 499 -22.33 -13.66 6.57
C PRO A 499 -23.23 -13.27 5.39
N LYS A 500 -23.51 -14.22 4.50
CA LYS A 500 -24.08 -13.91 3.20
C LYS A 500 -25.41 -13.17 3.32
N GLU A 501 -26.18 -13.43 4.39
CA GLU A 501 -27.47 -12.78 4.59
C GLU A 501 -27.31 -11.30 4.90
N ARG A 502 -26.19 -10.90 5.52
CA ARG A 502 -26.00 -9.53 5.96
C ARG A 502 -25.06 -8.75 5.02
N ALA A 503 -24.49 -9.42 4.02
CA ALA A 503 -23.42 -8.87 3.20
C ALA A 503 -23.86 -7.57 2.51
N GLU A 504 -25.12 -7.54 2.08
CA GLU A 504 -25.68 -6.41 1.35
C GLU A 504 -25.75 -5.17 2.25
N ALA A 505 -26.21 -5.36 3.49
CA ALA A 505 -26.29 -4.29 4.47
C ALA A 505 -24.89 -3.83 4.91
N VAL A 506 -23.98 -4.78 5.10
CA VAL A 506 -22.60 -4.43 5.42
C VAL A 506 -22.06 -3.51 4.31
N ALA A 507 -22.30 -3.88 3.05
CA ALA A 507 -21.84 -3.12 1.90
C ALA A 507 -22.38 -1.70 1.94
N ARG A 508 -23.68 -1.57 2.27
CA ARG A 508 -24.31 -0.28 2.27
C ARG A 508 -23.72 0.59 3.39
N LEU A 509 -23.59 0.01 4.59
CA LEU A 509 -22.99 0.73 5.71
C LEU A 509 -21.56 1.16 5.39
N ALA A 510 -20.75 0.24 4.88
CA ALA A 510 -19.34 0.52 4.64
C ALA A 510 -19.18 1.67 3.63
N LYS A 511 -19.95 1.63 2.53
CA LYS A 511 -19.95 2.69 1.54
C LYS A 511 -20.18 4.04 2.21
N GLU A 512 -21.21 4.11 3.06
CA GLU A 512 -21.65 5.35 3.68
C GLU A 512 -20.58 5.89 4.61
N VAL A 513 -19.99 5.02 5.42
CA VAL A 513 -18.92 5.45 6.33
C VAL A 513 -17.74 5.98 5.50
N MET A 514 -17.36 5.27 4.44
CA MET A 514 -16.18 5.64 3.68
C MET A 514 -16.40 6.96 2.94
N GLU A 515 -17.56 7.11 2.29
CA GLU A 515 -17.83 8.32 1.51
C GLU A 515 -17.99 9.53 2.44
N GLY A 516 -18.47 9.31 3.67
CA GLY A 516 -18.70 10.39 4.61
C GLY A 516 -17.56 10.61 5.60
N VAL A 517 -16.40 9.99 5.36
CA VAL A 517 -15.30 9.91 6.34
C VAL A 517 -14.92 11.30 6.81
N TYR A 518 -14.86 12.25 5.89
CA TYR A 518 -14.38 13.59 6.19
C TYR A 518 -14.86 14.51 5.08
N PRO A 519 -15.33 15.74 5.39
CA PRO A 519 -15.81 16.67 4.36
C PRO A 519 -14.68 17.27 3.53
N LEU A 520 -14.76 17.09 2.19
CA LEU A 520 -13.87 17.76 1.27
C LEU A 520 -14.69 18.62 0.31
N ALA A 521 -13.97 19.40 -0.51
CA ALA A 521 -14.57 20.25 -1.53
C ALA A 521 -15.25 19.43 -2.63
N VAL A 522 -15.01 18.11 -2.62
CA VAL A 522 -15.58 17.23 -3.62
C VAL A 522 -16.14 16.02 -2.89
N PRO A 523 -17.12 15.31 -3.48
CA PRO A 523 -17.54 14.01 -2.96
C PRO A 523 -16.40 13.00 -3.07
N LEU A 524 -16.32 12.13 -2.07
CA LEU A 524 -15.64 10.84 -2.21
C LEU A 524 -16.63 9.83 -2.77
N GLU A 525 -16.21 9.12 -3.83
CA GLU A 525 -17.05 8.09 -4.42
C GLU A 525 -16.42 6.72 -4.15
N VAL A 526 -17.27 5.81 -3.67
CA VAL A 526 -16.83 4.47 -3.34
C VAL A 526 -17.62 3.48 -4.19
N GLU A 527 -16.90 2.66 -4.96
CA GLU A 527 -17.46 1.53 -5.67
C GLU A 527 -17.47 0.32 -4.75
N VAL A 528 -18.50 -0.51 -4.87
CA VAL A 528 -18.74 -1.61 -3.96
C VAL A 528 -19.23 -2.80 -4.76
N GLY A 529 -18.63 -3.97 -4.51
CA GLY A 529 -19.10 -5.22 -5.08
C GLY A 529 -19.09 -6.33 -4.04
N ILE A 530 -19.94 -7.34 -4.29
CA ILE A 530 -20.09 -8.46 -3.37
C ILE A 530 -19.88 -9.75 -4.16
N GLY A 531 -19.10 -10.67 -3.60
CA GLY A 531 -18.82 -11.92 -4.27
C GLY A 531 -18.30 -12.99 -3.33
N GLU A 532 -18.21 -14.22 -3.86
CA GLU A 532 -17.66 -15.37 -3.15
C GLU A 532 -16.13 -15.39 -3.25
N ASP A 533 -15.59 -14.66 -4.22
CA ASP A 533 -14.15 -14.51 -4.34
C ASP A 533 -13.83 -13.05 -4.63
N TRP A 534 -12.54 -12.70 -4.55
CA TRP A 534 -12.12 -11.31 -4.61
C TRP A 534 -12.33 -10.71 -6.00
N LEU A 535 -12.08 -11.52 -7.04
CA LEU A 535 -12.25 -11.06 -8.41
C LEU A 535 -13.72 -10.87 -8.76
N SER A 536 -14.57 -11.84 -8.40
CA SER A 536 -16.00 -11.71 -8.60
C SER A 536 -16.53 -10.46 -7.93
N ALA A 537 -16.04 -10.17 -6.72
CA ALA A 537 -16.50 -9.01 -5.96
C ALA A 537 -16.14 -7.70 -6.66
N LYS A 538 -14.94 -7.64 -7.26
CA LYS A 538 -14.51 -6.44 -7.96
C LYS A 538 -15.28 -6.31 -9.28
N GLU A 539 -15.48 -7.44 -9.98
CA GLU A 539 -16.26 -7.46 -11.21
C GLU A 539 -17.67 -6.96 -10.93
N ALA A 540 -18.27 -7.45 -9.82
CA ALA A 540 -19.59 -7.02 -9.38
C ALA A 540 -19.64 -5.51 -9.14
N ALA A 541 -18.56 -4.93 -8.59
CA ALA A 541 -18.52 -3.48 -8.35
C ALA A 541 -18.69 -2.70 -9.65
N LYS A 542 -18.05 -3.15 -10.74
CA LYS A 542 -18.20 -2.48 -12.03
C LYS A 542 -19.62 -2.65 -12.57
N LEU A 543 -20.18 -3.86 -12.49
CA LEU A 543 -21.51 -4.11 -13.03
C LEU A 543 -22.54 -3.24 -12.33
N ALA A 544 -22.36 -3.03 -11.02
CA ALA A 544 -23.26 -2.21 -10.21
C ALA A 544 -23.04 -0.72 -10.48
N ALA A 545 -21.83 -0.32 -10.89
CA ALA A 545 -21.47 1.09 -11.03
C ALA A 545 -22.35 1.76 -12.07
N ALA A 546 -22.68 1.03 -13.15
CA ALA A 546 -23.67 1.45 -14.12
C ALA A 546 -24.95 2.09 -13.58
N LEU A 547 -25.67 1.36 -12.73
CA LEU A 547 -26.86 1.87 -12.05
C LEU A 547 -26.48 2.98 -11.07
N GLU A 548 -25.51 2.67 -10.21
CA GLU A 548 -25.08 3.53 -9.12
C GLU A 548 -24.26 4.70 -9.68
P OMG B 17 35.36 -20.47 8.32
OP1 OMG B 17 34.82 -20.62 9.73
OP2 OMG B 17 36.81 -20.13 8.09
O5' OMG B 17 35.05 -21.86 7.60
C5' OMG B 17 33.67 -22.28 7.37
C4' OMG B 17 33.68 -23.58 6.62
O4' OMG B 17 33.99 -23.30 5.22
C3' OMG B 17 34.73 -24.59 7.12
O3' OMG B 17 34.21 -25.91 7.25
C2' OMG B 17 35.83 -24.49 6.06
O2' OMG B 17 36.58 -25.69 5.90
CM2 OMG B 17 37.79 -25.72 6.67
C1' OMG B 17 35.02 -24.17 4.81
N9 OMG B 17 35.84 -23.52 3.77
C8 OMG B 17 36.87 -22.63 3.98
N7 OMG B 17 37.46 -22.28 2.86
C5 OMG B 17 36.79 -22.97 1.87
C6 OMG B 17 36.97 -22.96 0.47
O6 OMG B 17 37.81 -22.34 -0.20
N1 OMG B 17 36.07 -23.81 -0.18
C2 OMG B 17 35.11 -24.56 0.46
N2 OMG B 17 34.33 -25.32 -0.32
N3 OMG B 17 34.91 -24.55 1.78
C4 OMG B 17 35.78 -23.74 2.41
P OMG C 13 -4.11 -2.81 -8.35
OP1 OMG C 13 -5.52 -3.31 -8.16
OP2 OMG C 13 -3.57 -2.36 -9.68
O5' OMG C 13 -3.91 -1.52 -7.42
C5' OMG C 13 -4.31 -1.58 -6.03
C4' OMG C 13 -3.98 -0.23 -5.45
O4' OMG C 13 -2.55 -0.12 -5.24
C3' OMG C 13 -4.29 0.94 -6.39
O3' OMG C 13 -5.65 1.32 -6.22
C2' OMG C 13 -3.38 2.00 -5.83
O2' OMG C 13 -4.09 2.36 -4.64
CM2 OMG C 13 -4.42 3.74 -4.58
C1' OMG C 13 -2.11 1.19 -5.56
N9 OMG C 13 -1.16 1.12 -6.66
C8 OMG C 13 -1.25 0.36 -7.81
N7 OMG C 13 -0.19 0.45 -8.58
C5 OMG C 13 0.64 1.35 -7.93
C6 OMG C 13 1.92 1.85 -8.29
O6 OMG C 13 2.61 1.61 -9.30
N1 OMG C 13 2.42 2.70 -7.32
C2 OMG C 13 1.78 3.05 -6.16
N2 OMG C 13 2.43 3.90 -5.35
N3 OMG C 13 0.59 2.58 -5.80
C4 OMG C 13 0.07 1.75 -6.74
P PO4 D . -8.99 4.03 -8.74
O1 PO4 D . -8.57 4.90 -7.52
O2 PO4 D . -9.62 2.72 -8.23
O3 PO4 D . -7.76 3.72 -9.58
O4 PO4 D . -10.02 4.79 -9.61
P PO4 E . -10.66 4.75 -15.94
O1 PO4 E . -9.74 4.86 -14.73
O2 PO4 E . -11.62 5.93 -15.93
O3 PO4 E . -9.82 4.78 -17.19
O4 PO4 E . -11.45 3.46 -15.87
S SO4 F . -4.38 10.32 25.94
O1 SO4 F . -5.18 10.12 27.12
O2 SO4 F . -3.82 11.65 25.93
O3 SO4 F . -5.22 10.13 24.78
O4 SO4 F . -3.30 9.38 25.95
S SO4 G . 10.66 19.27 -18.23
O1 SO4 G . 10.58 18.11 -17.37
O2 SO4 G . 11.85 20.00 -17.91
O3 SO4 G . 9.51 20.10 -18.01
O4 SO4 G . 10.70 18.86 -19.61
S SO4 H . -9.78 -25.62 -0.35
O1 SO4 H . -9.99 -26.48 0.78
O2 SO4 H . -9.35 -24.31 0.09
O3 SO4 H . -8.77 -26.19 -1.23
O4 SO4 H . -11.02 -25.48 -1.09
C1 PEG I . 4.96 -16.04 5.62
O1 PEG I . 5.94 -15.77 4.62
C2 PEG I . 5.51 -16.76 6.80
O2 PEG I . 4.87 -18.03 6.96
C3 PEG I . 5.72 -19.05 7.49
C4 PEG I . 5.18 -20.40 7.15
O4 PEG I . 5.96 -21.43 7.71
#